data_7HNO
#
_entry.id   7HNO
#
_cell.length_a   95.310
_cell.length_b   95.310
_cell.length_c   45.663
_cell.angle_alpha   90.000
_cell.angle_beta   90.000
_cell.angle_gamma   90.000
#
_symmetry.space_group_name_H-M   'I 4'
#
loop_
_entity.id
_entity.type
_entity.pdbx_description
1 polymer 'E3 ubiquitin-protein ligase TRIM21'
2 non-polymer 1,2-ETHANEDIOL
3 non-polymer N-{4-[(morpholin-4-yl)methyl]phenyl}acetamide
4 non-polymer 'SULFATE ION'
5 water water
#
_entity_poly.entity_id   1
_entity_poly.type   'polypeptide(L)'
_entity_poly.pdbx_seq_one_letter_code
;MHHHHHHMVHITLDRNTANSWLIISKDRRQVRMGDTHQNVSDNKERFSNYPMVLGAQRFSSGKMYWEVDVTQKEAWDLGV
CRDSVQRKGQFSLSPENGFWTIWLWQDSYEAGTSPQTTLHIQVPPCQIGIFVDYEAGVVSFYNITDHGSLIYTFSECVFA
GPLRPFFNVGFNYSGGNAAPLKLCPLKM
;
_entity_poly.pdbx_strand_id   B
#
loop_
_chem_comp.id
_chem_comp.type
_chem_comp.name
_chem_comp.formula
EDO non-polymer 1,2-ETHANEDIOL 'C2 H6 O2'
RV4 non-polymer N-{4-[(morpholin-4-yl)methyl]phenyl}acetamide 'C13 H18 N2 O2'
SO4 non-polymer 'SULFATE ION' 'O4 S -2'
#
# COMPACT_ATOMS: atom_id res chain seq x y z
N HIS A 2 2.79 -19.99 1.42
CA HIS A 2 3.82 -19.16 2.11
C HIS A 2 3.76 -19.41 3.62
N HIS A 3 4.92 -19.34 4.29
CA HIS A 3 5.09 -19.51 5.76
C HIS A 3 5.78 -18.26 6.34
N HIS A 4 5.32 -17.07 5.93
CA HIS A 4 5.91 -15.73 6.21
C HIS A 4 5.25 -15.06 7.42
N HIS A 5 4.10 -15.60 7.85
CA HIS A 5 3.27 -15.11 8.99
C HIS A 5 4.15 -14.75 10.21
N HIS A 6 5.18 -15.54 10.51
CA HIS A 6 6.05 -15.38 11.72
C HIS A 6 6.95 -14.13 11.64
N HIS A 7 7.09 -13.45 10.49
CA HIS A 7 7.77 -12.12 10.40
C HIS A 7 6.77 -10.99 10.54
N MET A 8 5.60 -11.28 11.09
CA MET A 8 4.47 -10.32 11.21
C MET A 8 4.95 -9.08 11.99
N VAL A 9 4.61 -7.89 11.51
CA VAL A 9 4.95 -6.62 12.19
C VAL A 9 3.64 -5.85 12.37
N HIS A 10 3.57 -5.03 13.43
CA HIS A 10 2.35 -4.25 13.75
C HIS A 10 2.50 -2.88 13.06
N ILE A 11 1.77 -2.68 11.97
CA ILE A 11 1.87 -1.43 11.19
C ILE A 11 0.80 -0.45 11.71
N THR A 12 1.19 0.81 11.83
CA THR A 12 0.22 1.90 12.09
C THR A 12 0.40 2.96 11.04
N LEU A 13 -0.66 3.73 10.80
CA LEU A 13 -0.58 4.79 9.76
C LEU A 13 -0.04 6.10 10.32
N ASP A 14 0.70 6.83 9.53
CA ASP A 14 1.32 8.11 9.89
C ASP A 14 0.43 9.24 9.34
N ARG A 15 -0.39 9.83 10.23
N ARG A 15 -0.40 9.83 10.22
CA ARG A 15 -1.34 10.92 9.93
CA ARG A 15 -1.36 10.91 9.88
C ARG A 15 -0.65 12.08 9.18
C ARG A 15 -0.65 12.08 9.15
N ASN A 16 0.62 12.35 9.52
CA ASN A 16 1.32 13.51 8.94
C ASN A 16 1.56 13.36 7.44
N THR A 17 1.60 12.10 6.94
CA THR A 17 1.85 11.83 5.52
C THR A 17 0.56 11.76 4.71
N ALA A 18 -0.58 11.71 5.37
CA ALA A 18 -1.87 11.43 4.70
C ALA A 18 -2.28 12.63 3.84
N ASN A 19 -2.82 12.36 2.68
CA ASN A 19 -3.63 13.35 1.94
C ASN A 19 -4.69 13.91 2.87
N SER A 20 -4.96 15.20 2.71
CA SER A 20 -5.79 15.99 3.64
C SER A 20 -7.27 15.56 3.59
N TRP A 21 -7.71 14.72 2.66
CA TRP A 21 -9.09 14.21 2.60
C TRP A 21 -9.24 12.88 3.35
N LEU A 22 -8.13 12.30 3.83
CA LEU A 22 -8.22 10.96 4.46
C LEU A 22 -8.65 11.07 5.92
N ILE A 23 -9.37 10.05 6.34
CA ILE A 23 -9.83 9.88 7.75
C ILE A 23 -9.20 8.59 8.27
N ILE A 24 -8.35 8.73 9.28
CA ILE A 24 -7.59 7.64 9.92
C ILE A 24 -8.23 7.38 11.28
N SER A 25 -8.49 6.13 11.58
CA SER A 25 -9.16 5.74 12.82
C SER A 25 -8.27 6.06 14.03
N LYS A 26 -8.89 6.07 15.24
CA LYS A 26 -8.15 6.35 16.50
C LYS A 26 -6.96 5.39 16.67
N ASP A 27 -7.15 4.10 16.36
CA ASP A 27 -6.07 3.10 16.56
C ASP A 27 -5.02 3.19 15.43
N ARG A 28 -5.18 4.08 14.45
CA ARG A 28 -4.22 4.29 13.33
C ARG A 28 -4.10 2.97 12.52
N ARG A 29 -5.14 2.15 12.48
CA ARG A 29 -5.12 0.90 11.68
C ARG A 29 -6.08 0.90 10.51
N GLN A 30 -6.95 1.91 10.38
CA GLN A 30 -7.93 1.98 9.28
C GLN A 30 -7.88 3.38 8.66
N VAL A 31 -8.10 3.44 7.36
CA VAL A 31 -8.11 4.72 6.62
C VAL A 31 -9.18 4.64 5.54
N ARG A 32 -9.91 5.74 5.36
CA ARG A 32 -10.89 5.86 4.25
C ARG A 32 -10.86 7.29 3.70
N MET A 33 -11.42 7.42 2.50
N MET A 33 -11.35 7.48 2.47
CA MET A 33 -11.61 8.71 1.78
CA MET A 33 -11.37 8.84 1.87
C MET A 33 -12.77 9.46 2.46
C MET A 33 -12.68 9.52 2.25
N GLY A 34 -12.52 10.68 2.91
CA GLY A 34 -13.62 11.56 3.35
C GLY A 34 -14.29 12.24 2.18
N ASP A 35 -15.45 12.82 2.46
CA ASP A 35 -16.23 13.46 1.35
C ASP A 35 -15.77 14.92 1.19
N THR A 36 -14.77 15.34 1.95
CA THR A 36 -14.27 16.76 1.94
C THR A 36 -12.86 16.84 2.54
N HIS A 37 -12.21 17.99 2.50
CA HIS A 37 -10.97 18.28 3.27
C HIS A 37 -11.22 18.05 4.75
N GLN A 38 -10.30 17.37 5.44
CA GLN A 38 -10.52 16.96 6.84
C GLN A 38 -9.95 17.98 7.84
N ASN A 39 -9.70 19.21 7.43
CA ASN A 39 -9.51 20.35 8.37
C ASN A 39 -8.18 20.26 9.10
N VAL A 40 -7.15 19.78 8.40
CA VAL A 40 -5.75 19.71 8.90
C VAL A 40 -4.89 20.73 8.16
N SER A 41 -3.79 21.16 8.77
CA SER A 41 -2.82 22.03 8.09
C SER A 41 -2.05 21.25 7.01
N ASP A 42 -1.56 21.95 6.00
CA ASP A 42 -0.70 21.33 4.99
C ASP A 42 0.71 21.20 5.56
N ASN A 43 1.52 20.29 5.00
CA ASN A 43 2.93 20.08 5.39
C ASN A 43 3.63 19.40 4.20
N LYS A 44 4.95 19.38 4.23
CA LYS A 44 5.73 18.92 3.07
C LYS A 44 5.64 17.37 2.93
N GLU A 45 5.17 16.67 3.95
CA GLU A 45 5.06 15.17 3.90
C GLU A 45 3.79 14.74 3.15
N ARG A 46 2.71 15.55 3.13
CA ARG A 46 1.41 15.02 2.70
C ARG A 46 1.41 14.71 1.22
N PHE A 47 0.88 13.56 0.79
CA PHE A 47 0.64 13.33 -0.63
C PHE A 47 -0.49 14.30 -1.10
N SER A 48 -0.21 15.14 -2.08
CA SER A 48 -1.16 16.23 -2.46
C SER A 48 -2.18 15.78 -3.50
N ASN A 49 -1.83 14.94 -4.45
CA ASN A 49 -2.63 14.71 -5.68
C ASN A 49 -3.51 13.45 -5.58
N TYR A 50 -3.20 12.55 -4.64
CA TYR A 50 -3.84 11.22 -4.60
C TYR A 50 -4.15 10.88 -3.14
N PRO A 51 -5.10 9.96 -2.89
CA PRO A 51 -5.53 9.61 -1.54
C PRO A 51 -4.61 8.58 -0.85
N MET A 52 -3.35 8.98 -0.69
CA MET A 52 -2.25 8.10 -0.23
C MET A 52 -1.84 8.43 1.20
N VAL A 53 -1.28 7.43 1.87
CA VAL A 53 -0.74 7.62 3.23
C VAL A 53 0.35 6.55 3.43
N LEU A 54 1.34 6.84 4.28
CA LEU A 54 2.40 5.85 4.61
C LEU A 54 2.17 5.25 5.99
N GLY A 55 2.73 4.05 6.21
CA GLY A 55 2.90 3.57 7.59
C GLY A 55 3.96 4.38 8.33
N ALA A 56 3.90 4.38 9.64
CA ALA A 56 4.85 5.11 10.50
C ALA A 56 6.18 4.33 10.55
N GLN A 57 6.12 3.03 10.34
CA GLN A 57 7.33 2.18 10.52
C GLN A 57 8.26 2.41 9.33
N ARG A 58 9.57 2.38 9.58
CA ARG A 58 10.63 2.45 8.56
C ARG A 58 11.47 1.17 8.66
N PHE A 59 11.73 0.54 7.52
CA PHE A 59 12.47 -0.76 7.51
C PHE A 59 13.71 -0.60 6.64
N SER A 60 14.89 -0.97 7.19
N SER A 60 14.89 -0.98 7.17
CA SER A 60 16.18 -0.87 6.47
CA SER A 60 16.18 -0.94 6.42
C SER A 60 16.92 -2.23 6.45
C SER A 60 16.93 -2.27 6.55
N SER A 61 16.34 -3.26 7.07
N SER A 61 16.24 -3.32 6.96
CA SER A 61 16.91 -4.63 7.11
CA SER A 61 16.89 -4.64 7.16
C SER A 61 15.83 -5.66 7.41
C SER A 61 15.85 -5.68 7.51
N GLY A 62 16.16 -6.94 7.25
CA GLY A 62 15.34 -8.06 7.75
C GLY A 62 14.12 -8.37 6.88
N LYS A 63 13.26 -9.20 7.45
CA LYS A 63 12.05 -9.70 6.79
C LYS A 63 10.87 -9.15 7.58
N MET A 64 9.83 -8.70 6.88
CA MET A 64 8.63 -8.04 7.45
C MET A 64 7.39 -8.56 6.70
N TYR A 65 6.29 -8.74 7.39
CA TYR A 65 5.04 -9.25 6.81
C TYR A 65 3.89 -8.52 7.49
N TRP A 66 2.92 -8.09 6.70
CA TRP A 66 1.65 -7.55 7.24
C TRP A 66 0.49 -7.90 6.29
N GLU A 67 -0.75 -7.69 6.74
CA GLU A 67 -1.98 -8.00 5.96
C GLU A 67 -2.93 -6.81 5.96
N VAL A 68 -3.56 -6.60 4.81
CA VAL A 68 -4.48 -5.48 4.62
C VAL A 68 -5.83 -6.01 4.10
N ASP A 69 -6.93 -5.52 4.69
CA ASP A 69 -8.32 -5.85 4.26
C ASP A 69 -8.75 -4.84 3.21
N VAL A 70 -9.19 -5.34 2.06
CA VAL A 70 -9.65 -4.53 0.90
C VAL A 70 -11.13 -4.83 0.55
N THR A 71 -11.85 -5.48 1.46
CA THR A 71 -13.27 -5.86 1.28
C THR A 71 -14.07 -4.70 0.69
N GLN A 72 -14.83 -5.04 -0.34
CA GLN A 72 -15.80 -4.24 -1.13
C GLN A 72 -15.22 -2.97 -1.74
N LYS A 73 -13.91 -2.82 -1.86
CA LYS A 73 -13.35 -1.70 -2.61
C LYS A 73 -13.27 -2.00 -4.11
N GLU A 74 -13.46 -0.98 -4.91
CA GLU A 74 -13.34 -1.00 -6.37
C GLU A 74 -11.93 -0.63 -6.86
N ALA A 75 -11.19 0.09 -6.02
CA ALA A 75 -9.90 0.64 -6.44
C ALA A 75 -9.01 0.86 -5.23
N TRP A 76 -7.72 0.50 -5.32
CA TRP A 76 -6.70 0.71 -4.24
C TRP A 76 -5.33 0.41 -4.81
N ASP A 77 -4.32 0.97 -4.18
CA ASP A 77 -2.89 0.57 -4.36
C ASP A 77 -2.37 0.09 -3.02
N LEU A 78 -1.49 -0.93 -3.00
CA LEU A 78 -0.85 -1.42 -1.77
C LEU A 78 0.60 -1.81 -2.09
N GLY A 79 1.48 -1.55 -1.14
CA GLY A 79 2.83 -2.17 -1.18
C GLY A 79 3.75 -1.43 -0.25
N VAL A 80 4.96 -1.16 -0.73
N VAL A 80 4.92 -1.05 -0.74
CA VAL A 80 6.01 -0.38 0.01
CA VAL A 80 5.98 -0.43 0.09
C VAL A 80 6.59 0.70 -0.91
C VAL A 80 6.69 0.57 -0.83
N CYS A 81 7.23 1.66 -0.29
CA CYS A 81 7.92 2.69 -1.06
C CYS A 81 9.13 3.19 -0.28
N ARG A 82 10.02 3.85 -0.99
N ARG A 82 10.04 3.84 -0.99
CA ARG A 82 11.13 4.59 -0.35
CA ARG A 82 11.21 4.52 -0.39
C ARG A 82 10.59 5.68 0.57
C ARG A 82 10.72 5.72 0.45
N ASP A 83 11.33 5.96 1.62
CA ASP A 83 10.96 7.10 2.49
C ASP A 83 11.10 8.39 1.67
N SER A 84 11.92 8.45 0.64
CA SER A 84 12.26 9.67 -0.13
C SER A 84 11.33 9.91 -1.33
N VAL A 85 10.28 9.09 -1.52
CA VAL A 85 9.39 9.32 -2.67
C VAL A 85 8.83 10.75 -2.69
N GLN A 86 8.64 11.20 -3.91
CA GLN A 86 7.90 12.46 -4.23
C GLN A 86 6.53 12.44 -3.54
N ARG A 87 6.14 13.56 -2.94
CA ARG A 87 4.83 13.73 -2.26
C ARG A 87 3.93 14.64 -3.08
N LYS A 88 4.47 15.62 -3.82
CA LYS A 88 3.65 16.71 -4.42
C LYS A 88 3.55 16.55 -5.92
N GLY A 89 2.41 16.82 -6.49
CA GLY A 89 2.26 16.75 -7.94
C GLY A 89 1.99 15.36 -8.46
N GLN A 90 2.05 15.21 -9.78
CA GLN A 90 1.74 13.96 -10.50
C GLN A 90 2.99 13.09 -10.60
N PHE A 91 2.80 11.79 -10.47
CA PHE A 91 3.85 10.78 -10.65
C PHE A 91 3.23 9.42 -10.91
N SER A 92 3.97 8.52 -11.55
N SER A 92 4.04 8.54 -11.50
CA SER A 92 3.50 7.12 -11.71
CA SER A 92 3.71 7.12 -11.76
C SER A 92 4.14 6.22 -10.65
C SER A 92 4.17 6.23 -10.60
N LEU A 93 3.39 5.17 -10.30
CA LEU A 93 3.87 4.15 -9.37
C LEU A 93 4.78 3.20 -10.13
N SER A 94 6.10 3.23 -9.90
CA SER A 94 7.06 2.36 -10.57
C SER A 94 8.24 2.17 -9.64
N PRO A 95 9.01 1.10 -9.82
CA PRO A 95 10.25 0.94 -9.04
C PRO A 95 11.23 2.08 -9.32
N GLU A 96 11.26 2.61 -10.55
CA GLU A 96 12.17 3.76 -10.86
C GLU A 96 11.83 4.97 -9.98
N ASN A 97 10.56 5.16 -9.63
CA ASN A 97 10.14 6.27 -8.74
C ASN A 97 10.10 5.85 -7.28
N GLY A 98 10.55 4.64 -6.92
CA GLY A 98 10.64 4.23 -5.52
C GLY A 98 9.42 3.53 -4.95
N PHE A 99 8.58 2.91 -5.81
CA PHE A 99 7.37 2.20 -5.35
C PHE A 99 7.39 0.73 -5.80
N TRP A 100 6.97 -0.18 -4.91
CA TRP A 100 6.80 -1.61 -5.22
C TRP A 100 5.37 -1.98 -4.80
N THR A 101 4.43 -1.96 -5.76
CA THR A 101 2.98 -1.93 -5.46
C THR A 101 2.23 -2.86 -6.43
N ILE A 102 1.02 -3.22 -5.99
CA ILE A 102 -0.04 -3.80 -6.87
C ILE A 102 -1.30 -2.96 -6.66
N TRP A 103 -2.24 -3.15 -7.57
CA TRP A 103 -3.52 -2.42 -7.47
C TRP A 103 -4.64 -3.20 -8.10
N LEU A 104 -5.85 -2.79 -7.68
CA LEU A 104 -7.12 -3.09 -8.37
C LEU A 104 -7.61 -1.80 -9.04
N TRP A 105 -7.99 -1.87 -10.31
CA TRP A 105 -8.53 -0.71 -11.04
C TRP A 105 -9.40 -1.21 -12.18
N GLN A 106 -10.68 -0.76 -12.23
CA GLN A 106 -11.59 -1.14 -13.36
C GLN A 106 -11.59 -2.63 -13.56
N ASP A 107 -11.80 -3.37 -12.50
CA ASP A 107 -12.06 -4.81 -12.54
C ASP A 107 -10.83 -5.60 -13.00
N SER A 108 -9.64 -5.00 -13.03
CA SER A 108 -8.40 -5.78 -13.27
C SER A 108 -7.38 -5.52 -12.15
N TYR A 109 -6.60 -6.54 -11.86
CA TYR A 109 -5.44 -6.42 -10.92
C TYR A 109 -4.15 -6.31 -11.71
N GLU A 110 -3.26 -5.38 -11.36
N GLU A 110 -3.26 -5.42 -11.30
CA GLU A 110 -1.97 -5.15 -12.06
CA GLU A 110 -1.99 -5.15 -12.01
C GLU A 110 -0.85 -4.84 -11.06
C GLU A 110 -0.87 -4.99 -10.96
N ALA A 111 0.36 -5.27 -11.39
CA ALA A 111 1.55 -4.87 -10.63
C ALA A 111 2.10 -3.59 -11.22
N GLY A 112 2.55 -2.70 -10.34
CA GLY A 112 3.12 -1.37 -10.64
C GLY A 112 4.53 -1.43 -11.20
N THR A 113 4.79 -2.22 -12.22
CA THR A 113 5.98 -2.10 -13.07
C THR A 113 5.75 -0.97 -14.08
N SER A 114 6.79 -0.61 -14.83
CA SER A 114 6.69 0.40 -15.90
C SER A 114 7.14 -0.26 -17.21
N PRO A 115 6.23 -0.62 -18.11
CA PRO A 115 4.80 -0.42 -17.93
C PRO A 115 4.17 -1.49 -17.02
N GLN A 116 2.93 -1.29 -16.61
CA GLN A 116 2.28 -2.16 -15.60
C GLN A 116 2.07 -3.58 -16.16
N THR A 117 2.01 -4.54 -15.26
CA THR A 117 1.92 -5.98 -15.55
C THR A 117 0.55 -6.51 -15.16
N THR A 118 -0.11 -7.26 -16.05
CA THR A 118 -1.36 -7.98 -15.75
C THR A 118 -1.16 -9.06 -14.70
N LEU A 119 -2.00 -9.12 -13.68
CA LEU A 119 -2.00 -10.18 -12.66
C LEU A 119 -3.09 -11.17 -13.04
N HIS A 120 -2.94 -12.41 -12.62
CA HIS A 120 -3.88 -13.51 -12.92
C HIS A 120 -4.41 -14.00 -11.59
N ILE A 121 -5.55 -13.51 -11.17
CA ILE A 121 -6.13 -13.89 -9.85
C ILE A 121 -7.50 -14.56 -10.14
N GLN A 122 -7.68 -15.78 -9.70
CA GLN A 122 -8.97 -16.50 -9.94
C GLN A 122 -9.96 -16.18 -8.81
N VAL A 123 -9.48 -15.91 -7.60
CA VAL A 123 -10.36 -15.62 -6.42
C VAL A 123 -10.14 -14.18 -5.97
N PRO A 124 -11.04 -13.22 -6.27
CA PRO A 124 -10.80 -11.83 -5.91
C PRO A 124 -10.48 -11.74 -4.43
N PRO A 125 -9.33 -11.15 -4.04
CA PRO A 125 -8.95 -11.10 -2.64
C PRO A 125 -9.78 -10.12 -1.78
N CYS A 126 -10.12 -10.54 -0.58
CA CYS A 126 -10.64 -9.64 0.48
C CYS A 126 -9.52 -9.19 1.40
N GLN A 127 -8.43 -9.96 1.53
N GLN A 127 -8.40 -9.93 1.38
CA GLN A 127 -7.23 -9.57 2.33
CA GLN A 127 -7.24 -9.67 2.25
C GLN A 127 -5.95 -9.98 1.59
C GLN A 127 -5.98 -9.93 1.42
N ILE A 128 -4.98 -9.05 1.59
CA ILE A 128 -3.70 -9.12 0.84
C ILE A 128 -2.61 -9.23 1.91
N GLY A 129 -1.67 -10.16 1.74
CA GLY A 129 -0.44 -10.23 2.53
C GLY A 129 0.73 -9.64 1.76
N ILE A 130 1.53 -8.82 2.45
CA ILE A 130 2.73 -8.15 1.85
C ILE A 130 3.97 -8.59 2.62
N PHE A 131 4.92 -9.14 1.90
CA PHE A 131 6.17 -9.66 2.49
C PHE A 131 7.33 -8.91 1.86
N VAL A 132 8.22 -8.39 2.71
CA VAL A 132 9.46 -7.69 2.28
C VAL A 132 10.66 -8.43 2.86
N ASP A 133 11.58 -8.82 1.99
CA ASP A 133 12.93 -9.32 2.43
C ASP A 133 13.94 -8.28 1.95
N TYR A 134 14.37 -7.45 2.90
CA TYR A 134 15.25 -6.29 2.56
C TYR A 134 16.58 -6.77 1.94
N GLU A 135 17.22 -7.71 2.61
CA GLU A 135 18.56 -8.16 2.16
C GLU A 135 18.44 -8.85 0.80
N ALA A 136 17.38 -9.65 0.55
CA ALA A 136 17.21 -10.36 -0.73
C ALA A 136 16.73 -9.44 -1.86
N GLY A 137 16.21 -8.25 -1.56
CA GLY A 137 15.62 -7.37 -2.55
C GLY A 137 14.31 -7.92 -3.12
N VAL A 138 13.43 -8.36 -2.25
CA VAL A 138 12.15 -9.02 -2.65
C VAL A 138 10.97 -8.31 -2.02
N VAL A 139 9.92 -8.10 -2.82
CA VAL A 139 8.58 -7.72 -2.29
C VAL A 139 7.56 -8.70 -2.90
N SER A 140 6.82 -9.41 -2.06
CA SER A 140 5.85 -10.40 -2.55
C SER A 140 4.47 -10.08 -1.98
N PHE A 141 3.46 -10.46 -2.75
CA PHE A 141 2.03 -10.22 -2.47
C PHE A 141 1.33 -11.57 -2.50
N TYR A 142 0.48 -11.78 -1.50
CA TYR A 142 -0.21 -13.08 -1.27
C TYR A 142 -1.72 -12.84 -1.14
N ASN A 143 -2.50 -13.79 -1.66
CA ASN A 143 -4.00 -13.73 -1.66
C ASN A 143 -4.48 -14.49 -0.42
N ILE A 144 -4.81 -13.84 0.68
CA ILE A 144 -5.12 -14.52 1.96
C ILE A 144 -6.47 -15.25 1.77
N THR A 145 -7.38 -14.73 0.97
CA THR A 145 -8.74 -15.31 0.70
C THR A 145 -8.55 -16.68 0.05
N ASP A 146 -7.53 -16.84 -0.80
CA ASP A 146 -7.23 -18.07 -1.55
C ASP A 146 -6.07 -18.84 -0.88
N HIS A 147 -6.11 -19.01 0.43
CA HIS A 147 -5.18 -19.90 1.18
C HIS A 147 -3.73 -19.40 1.04
N GLY A 148 -3.52 -18.09 0.83
CA GLY A 148 -2.15 -17.56 0.74
C GLY A 148 -1.49 -17.68 -0.61
N SER A 149 -2.21 -17.93 -1.70
CA SER A 149 -1.61 -18.14 -3.04
C SER A 149 -0.81 -16.91 -3.48
N LEU A 150 0.32 -17.12 -4.12
CA LEU A 150 1.13 -15.98 -4.64
C LEU A 150 0.37 -15.18 -5.68
N ILE A 151 0.43 -13.85 -5.55
CA ILE A 151 -0.05 -12.88 -6.53
C ILE A 151 1.08 -12.39 -7.42
N TYR A 152 2.17 -11.90 -6.80
CA TYR A 152 3.24 -11.25 -7.58
C TYR A 152 4.49 -11.14 -6.71
N THR A 153 5.65 -11.29 -7.33
CA THR A 153 6.96 -11.06 -6.65
C THR A 153 7.80 -10.10 -7.48
N PHE A 154 8.16 -8.97 -6.87
CA PHE A 154 9.24 -8.08 -7.36
C PHE A 154 10.54 -8.62 -6.79
N SER A 155 11.46 -8.94 -7.71
CA SER A 155 12.80 -9.38 -7.29
C SER A 155 13.85 -8.45 -7.87
N GLU A 156 15.10 -8.60 -7.38
CA GLU A 156 16.19 -7.68 -7.78
C GLU A 156 15.80 -6.22 -7.49
N CYS A 157 15.08 -5.97 -6.38
CA CYS A 157 14.61 -4.62 -6.04
C CYS A 157 15.82 -3.78 -5.64
N VAL A 158 15.83 -2.52 -6.05
CA VAL A 158 16.88 -1.54 -5.62
C VAL A 158 16.21 -0.55 -4.68
N PHE A 159 16.09 -0.93 -3.41
CA PHE A 159 15.32 -0.14 -2.43
C PHE A 159 15.96 1.24 -2.28
N ALA A 160 17.28 1.30 -2.15
CA ALA A 160 18.06 2.55 -2.16
C ALA A 160 17.68 3.46 -1.00
N GLY A 161 17.26 2.90 0.14
CA GLY A 161 16.91 3.68 1.33
C GLY A 161 15.93 2.93 2.21
N PRO A 162 15.53 3.55 3.31
CA PRO A 162 14.55 2.97 4.18
C PRO A 162 13.22 2.82 3.43
N LEU A 163 12.49 1.79 3.80
CA LEU A 163 11.16 1.52 3.17
C LEU A 163 10.05 1.85 4.17
N ARG A 164 8.92 2.32 3.63
CA ARG A 164 7.68 2.51 4.41
C ARG A 164 6.53 1.74 3.78
N PRO A 165 5.62 1.17 4.60
CA PRO A 165 4.36 0.62 4.08
C PRO A 165 3.63 1.75 3.34
N PHE A 166 3.02 1.40 2.20
CA PHE A 166 2.38 2.36 1.30
C PHE A 166 0.92 1.93 1.05
N PHE A 167 0.01 2.92 1.04
CA PHE A 167 -1.46 2.73 0.89
C PHE A 167 -2.04 3.82 -0.02
N ASN A 168 -2.97 3.42 -0.87
CA ASN A 168 -3.85 4.36 -1.60
C ASN A 168 -5.26 3.80 -1.49
N VAL A 169 -6.18 4.55 -0.86
CA VAL A 169 -7.61 4.13 -0.74
C VAL A 169 -8.35 4.31 -2.06
N GLY A 170 -7.75 5.03 -2.99
CA GLY A 170 -8.39 5.39 -4.29
C GLY A 170 -9.45 6.45 -4.17
N PHE A 171 -9.75 7.05 -5.32
CA PHE A 171 -10.85 8.03 -5.41
C PHE A 171 -12.17 7.31 -5.25
N ASN A 172 -13.21 8.13 -5.05
CA ASN A 172 -14.59 7.59 -4.95
C ASN A 172 -15.50 8.45 -5.84
N TYR A 173 -15.15 8.56 -7.10
CA TYR A 173 -16.02 9.22 -8.10
C TYR A 173 -17.29 8.42 -8.31
N SER A 174 -17.25 7.10 -8.20
CA SER A 174 -18.37 6.19 -8.53
C SER A 174 -19.40 6.10 -7.39
N GLY A 175 -19.04 6.48 -6.18
CA GLY A 175 -19.85 6.19 -4.99
C GLY A 175 -19.79 4.74 -4.57
N GLY A 176 -18.99 3.88 -5.24
CA GLY A 176 -18.83 2.48 -4.87
C GLY A 176 -17.49 2.14 -4.19
N ASN A 177 -16.67 3.15 -3.91
CA ASN A 177 -15.32 2.91 -3.36
C ASN A 177 -15.10 3.62 -2.00
N ALA A 178 -16.13 3.81 -1.18
CA ALA A 178 -15.96 4.53 0.10
C ALA A 178 -15.31 3.67 1.18
N ALA A 179 -15.35 2.36 1.04
CA ALA A 179 -14.92 1.45 2.12
C ALA A 179 -13.46 1.71 2.49
N PRO A 180 -13.08 1.46 3.75
CA PRO A 180 -11.70 1.67 4.19
C PRO A 180 -10.72 0.56 3.77
N LEU A 181 -9.44 0.89 3.82
CA LEU A 181 -8.37 -0.12 3.98
C LEU A 181 -8.19 -0.36 5.48
N LYS A 182 -8.00 -1.62 5.89
CA LYS A 182 -7.84 -1.95 7.32
C LYS A 182 -6.61 -2.82 7.50
N LEU A 183 -5.73 -2.46 8.41
CA LEU A 183 -4.62 -3.39 8.78
C LEU A 183 -5.19 -4.49 9.63
N CYS A 184 -4.96 -5.75 9.25
CA CYS A 184 -5.57 -6.92 9.92
C CYS A 184 -4.76 -7.33 11.12
N PRO A 185 -5.42 -7.85 12.17
CA PRO A 185 -4.74 -8.27 13.37
C PRO A 185 -3.83 -9.46 13.04
N LEU A 186 -2.66 -9.45 13.67
CA LEU A 186 -1.68 -10.54 13.84
C LEU A 186 -2.30 -11.67 14.65
C1 EDO B . -13.74 11.58 -5.49
O1 EDO B . -13.18 10.85 -4.43
C2 EDO B . -13.10 12.84 -5.84
O2 EDO B . -13.11 13.72 -4.74
N1 RV4 C . -4.81 4.56 -15.18
C4 RV4 C . -4.24 2.87 -13.50
C5 RV4 C . -3.82 2.54 -12.22
C6 RV4 C . -3.53 3.53 -11.31
C7 RV4 C . -3.66 4.85 -11.69
C8 RV4 C . -4.05 5.20 -12.97
C10 RV4 C . -5.24 2.25 -9.30
C13 RV4 C . -4.64 4.40 -8.48
C1 RV4 C . -4.79 4.83 -17.57
C11 RV4 C . -6.23 2.13 -8.17
C12 RV4 C . -5.65 4.25 -7.37
C2 RV4 C . -4.44 4.01 -16.36
C3 RV4 C . -4.39 4.20 -13.87
C9 RV4 C . -3.07 3.16 -9.91
N2 RV4 C . -4.13 3.10 -8.89
O1 RV4 C . -3.88 2.90 -16.47
O2 RV4 C . -6.73 3.40 -7.75
C1 EDO D . -1.56 6.79 -8.57
O1 EDO D . -2.62 7.25 -9.38
C2 EDO D . -0.33 7.53 -8.88
O2 EDO D . -0.21 7.77 -10.27
C1 EDO E . -0.95 21.77 -12.04
O1 EDO E . -0.65 20.92 -10.96
C2 EDO E . -1.57 21.08 -13.19
O2 EDO E . -2.88 20.68 -12.90
S SO4 F . 6.49 9.77 -14.05
O1 SO4 F . 6.34 9.94 -12.65
O2 SO4 F . 7.18 10.89 -14.61
O3 SO4 F . 7.27 8.56 -14.29
O4 SO4 F . 5.20 9.63 -14.68
#